data_4A33
#
_entry.id   4A33
#
_cell.length_a   48.230
_cell.length_b   91.330
_cell.length_c   53.380
_cell.angle_alpha   90.00
_cell.angle_beta   113.52
_cell.angle_gamma   90.00
#
_symmetry.space_group_name_H-M   'P 1 21 1'
#
loop_
_entity.id
_entity.type
_entity.pdbx_description
1 polymer 'GLYCYLPEPTIDE N-TETRADECANOYLTRANSFERASE'
2 non-polymer 2,6-DICHLORO-4-(6-PIPERAZIN-1-YLPYRIDIN-3-YL)-N-(1,3,5-TRIMETHYL-1H-PYRAZOL-4-YL)BENZENESULFONAMIDE
3 non-polymer TETRADECANOYL-COA
4 water water
#
_entity_poly.entity_id   1
_entity_poly.type   'polypeptide(L)'
_entity_poly.pdbx_seq_one_letter_code
;MGSSHHHHHHSSGRENLYFQGPSNSDAAHAFWSTQPVPQTEDETEKIVFAGPMDEPKTVADIPEEPYPIASTFEWWTPNM
EAADDIHAIYELLRDNYVEDDDSMFRFNYSEEFLQWALCPPNYIPDWHVAVRRKADKKLLAFIAGVPVTLRMGTPKYMKV
KAQEKGEGEEAAKYDEPRHICEINFLCVHKQLREKRLAPILIKEATRRVNRTNVWQAVYTAGVLLPTPYASGQYFHRSLN
PEKLVEIRFSGIPAQYQKFQNPMAMLKRNYQLPSAPKNSGLREMKPSDVPQVRRILMNYLDSFDVGPVFSDAEISHYLLP
RDGVVFTYVVENDKKVTDFFSFYRIPSTVIGNSNYNLLNAAYVHYYAATSIPLHQLILDLLIVAHSRGFDVCNMVEILDN
RSFVEQLKFGAGDGHLRYYFYNWAYPKIKPSQVALVML
;
_entity_poly.pdbx_strand_id   A
#
# COMPACT_ATOMS: atom_id res chain seq x y z
N ALA A 28 -2.51 15.80 22.99
CA ALA A 28 -2.73 16.85 21.94
C ALA A 28 -1.76 16.67 20.75
N HIS A 29 -2.31 16.81 19.55
CA HIS A 29 -1.50 16.78 18.37
C HIS A 29 -1.42 18.19 17.87
N ALA A 30 -0.30 18.88 18.09
CA ALA A 30 -0.19 20.27 17.68
C ALA A 30 -0.38 20.46 16.16
N PHE A 31 -0.01 19.48 15.34
CA PHE A 31 -0.33 19.58 13.90
C PHE A 31 -1.71 19.04 13.50
N TRP A 32 -2.07 17.83 13.92
CA TRP A 32 -3.26 17.15 13.38
C TRP A 32 -4.58 17.69 13.91
N SER A 33 -4.50 18.32 15.08
CA SER A 33 -5.60 19.14 15.61
C SER A 33 -6.01 20.31 14.67
N THR A 34 -5.13 20.71 13.76
CA THR A 34 -5.46 21.84 12.90
C THR A 34 -6.01 21.43 11.54
N GLN A 35 -6.27 20.14 11.35
CA GLN A 35 -6.44 19.59 9.99
C GLN A 35 -7.86 19.05 9.79
N PRO A 36 -8.34 19.04 8.53
CA PRO A 36 -9.70 18.54 8.26
C PRO A 36 -9.80 17.00 8.30
N VAL A 37 -9.50 16.43 9.47
CA VAL A 37 -9.64 14.97 9.72
C VAL A 37 -10.45 14.76 11.00
N PRO A 38 -11.11 13.61 11.17
CA PRO A 38 -11.76 13.46 12.47
C PRO A 38 -10.72 13.30 13.58
N GLN A 39 -11.00 13.89 14.74
CA GLN A 39 -10.02 14.04 15.82
C GLN A 39 -9.95 12.87 16.80
N THR A 40 -11.03 12.10 16.94
CA THR A 40 -11.12 10.96 17.87
C THR A 40 -11.83 9.71 17.31
N GLU A 41 -11.54 8.53 17.88
CA GLU A 41 -12.36 7.33 17.71
C GLU A 41 -13.86 7.60 17.95
N ASP A 42 -14.20 8.23 19.08
CA ASP A 42 -15.62 8.43 19.40
C ASP A 42 -16.30 9.39 18.44
N GLU A 43 -15.50 10.14 17.67
CA GLU A 43 -16.04 10.94 16.58
C GLU A 43 -16.29 10.05 15.35
N THR A 44 -15.29 9.23 15.02
CA THR A 44 -15.31 8.34 13.85
C THR A 44 -16.37 7.27 13.97
N GLU A 45 -16.56 6.72 15.16
CA GLU A 45 -17.54 5.65 15.38
C GLU A 45 -19.00 6.15 15.36
N LYS A 46 -19.18 7.41 14.92
CA LYS A 46 -20.41 8.17 15.01
C LYS A 46 -20.86 8.67 13.64
N ILE A 47 -19.89 8.87 12.75
CA ILE A 47 -20.14 9.27 11.36
C ILE A 47 -20.92 8.20 10.63
N VAL A 48 -21.96 8.65 9.92
CA VAL A 48 -22.91 7.77 9.26
C VAL A 48 -22.81 7.87 7.75
N PHE A 49 -22.62 9.07 7.23
CA PHE A 49 -22.47 9.22 5.78
C PHE A 49 -21.09 9.72 5.37
N ALA A 50 -20.65 9.25 4.20
CA ALA A 50 -19.47 9.78 3.54
C ALA A 50 -19.66 11.22 3.14
N GLY A 51 -18.59 12.00 3.22
CA GLY A 51 -18.55 13.37 2.71
C GLY A 51 -17.37 14.16 3.27
N PRO A 52 -17.10 15.36 2.69
CA PRO A 52 -15.94 16.19 3.07
C PRO A 52 -16.09 16.80 4.46
N MET A 53 -14.99 17.16 5.11
CA MET A 53 -15.03 17.84 6.42
C MET A 53 -15.04 19.36 6.22
N ASP A 54 -14.18 19.79 5.32
CA ASP A 54 -13.74 21.17 5.25
C ASP A 54 -14.81 22.13 4.71
N GLU A 55 -14.52 23.44 4.82
CA GLU A 55 -15.16 24.45 3.99
C GLU A 55 -14.87 24.15 2.47
N PRO A 56 -15.91 24.19 1.60
CA PRO A 56 -15.57 24.13 0.16
C PRO A 56 -14.70 25.32 -0.28
N LYS A 57 -13.60 25.02 -0.97
CA LYS A 57 -12.70 26.06 -1.45
C LYS A 57 -12.56 25.97 -2.97
N THR A 58 -11.65 26.76 -3.53
CA THR A 58 -11.45 26.78 -4.98
C THR A 58 -9.96 26.88 -5.23
N VAL A 59 -9.52 26.50 -6.41
CA VAL A 59 -8.14 26.66 -6.73
C VAL A 59 -7.74 28.11 -6.48
N ALA A 60 -8.63 29.05 -6.84
CA ALA A 60 -8.35 30.48 -6.67
C ALA A 60 -8.05 30.87 -5.19
N ASP A 61 -8.64 30.14 -4.25
CA ASP A 61 -8.41 30.34 -2.85
C ASP A 61 -6.99 29.95 -2.39
N ILE A 62 -6.33 29.08 -3.15
CA ILE A 62 -5.15 28.42 -2.69
C ILE A 62 -3.92 29.22 -3.07
N PRO A 63 -3.04 29.51 -2.09
CA PRO A 63 -1.81 30.28 -2.36
C PRO A 63 -1.03 29.67 -3.50
N GLU A 64 -0.59 30.50 -4.44
CA GLU A 64 0.23 29.99 -5.55
C GLU A 64 1.71 29.77 -5.17
N GLU A 65 2.16 30.43 -4.09
CA GLU A 65 3.54 30.29 -3.65
C GLU A 65 3.74 29.07 -2.77
N PRO A 66 4.83 28.32 -3.02
CA PRO A 66 5.17 27.28 -2.08
C PRO A 66 5.18 27.86 -0.68
N TYR A 67 4.81 27.01 0.26
CA TYR A 67 4.86 27.30 1.67
C TYR A 67 6.29 27.80 2.13
N PRO A 68 6.36 28.85 2.96
CA PRO A 68 7.67 29.25 3.49
C PRO A 68 8.40 28.12 4.24
N ILE A 69 9.68 27.95 3.95
CA ILE A 69 10.60 27.10 4.73
C ILE A 69 11.84 27.91 5.11
N ALA A 70 12.66 27.41 6.03
CA ALA A 70 13.91 28.12 6.43
C ALA A 70 14.87 28.30 5.26
N SER A 71 15.66 29.36 5.34
CA SER A 71 16.46 29.87 4.21
C SER A 71 17.57 28.94 3.75
N THR A 72 17.98 28.00 4.60
CA THR A 72 19.03 27.04 4.28
C THR A 72 18.47 25.90 3.42
N PHE A 73 17.15 25.93 3.21
CA PHE A 73 16.45 24.87 2.50
C PHE A 73 15.77 25.45 1.26
N GLU A 74 15.40 24.55 0.36
CA GLU A 74 14.58 24.84 -0.80
C GLU A 74 13.65 23.63 -1.10
N TRP A 75 12.53 23.93 -1.76
CA TRP A 75 11.63 22.96 -2.34
C TRP A 75 12.24 22.47 -3.64
N TRP A 76 12.11 21.16 -3.91
CA TRP A 76 12.53 20.54 -5.17
C TRP A 76 11.41 19.65 -5.72
N THR A 77 11.19 19.72 -7.03
CA THR A 77 10.37 18.75 -7.72
C THR A 77 11.29 17.79 -8.46
N PRO A 78 11.47 16.56 -7.92
CA PRO A 78 12.29 15.58 -8.61
C PRO A 78 11.63 15.22 -9.91
N ASN A 79 12.45 15.09 -10.96
CA ASN A 79 11.98 14.47 -12.17
C ASN A 79 12.13 12.95 -12.05
N MET A 80 11.03 12.25 -12.30
CA MET A 80 10.95 10.82 -12.07
C MET A 80 11.44 9.98 -13.24
N GLU A 81 11.73 10.63 -14.37
CA GLU A 81 12.29 9.96 -15.57
C GLU A 81 13.81 10.20 -15.68
N ALA A 82 14.34 10.84 -14.64
CA ALA A 82 15.79 11.06 -14.46
C ALA A 82 16.39 10.06 -13.45
N ALA A 83 17.28 9.18 -13.94
CA ALA A 83 17.96 8.15 -13.13
C ALA A 83 18.57 8.70 -11.85
N ASP A 84 19.06 9.92 -11.96
CA ASP A 84 19.80 10.55 -10.92
C ASP A 84 18.93 11.15 -9.82
N ASP A 85 17.74 11.65 -10.16
CA ASP A 85 16.77 12.11 -9.16
C ASP A 85 16.16 10.91 -8.45
N ILE A 86 15.71 9.94 -9.24
CA ILE A 86 15.25 8.68 -8.74
C ILE A 86 16.29 8.16 -7.79
N HIS A 87 17.55 8.10 -8.22
CA HIS A 87 18.60 7.60 -7.32
C HIS A 87 18.68 8.34 -5.96
N ALA A 88 18.46 9.66 -5.98
CA ALA A 88 18.58 10.48 -4.76
C ALA A 88 17.48 10.17 -3.76
N ILE A 89 16.26 10.00 -4.28
CA ILE A 89 15.09 9.54 -3.51
C ILE A 89 15.29 8.12 -2.96
N TYR A 90 15.84 7.25 -3.81
CA TYR A 90 16.16 5.87 -3.43
C TYR A 90 17.10 5.88 -2.23
N GLU A 91 18.10 6.75 -2.31
CA GLU A 91 19.13 6.79 -1.29
C GLU A 91 18.62 7.28 0.04
N LEU A 92 17.71 8.26 -0.01
CA LEU A 92 17.05 8.79 1.17
C LEU A 92 16.18 7.75 1.87
N LEU A 93 15.46 6.96 1.08
CA LEU A 93 14.52 5.98 1.61
C LEU A 93 15.29 4.78 2.10
N ARG A 94 16.32 4.36 1.33
CA ARG A 94 17.21 3.23 1.76
C ARG A 94 17.78 3.43 3.17
N ASP A 95 18.14 4.68 3.46
CA ASP A 95 18.72 5.02 4.75
C ASP A 95 17.74 5.62 5.79
N ASN A 96 16.56 6.08 5.37
CA ASN A 96 15.67 6.74 6.35
C ASN A 96 14.18 6.39 6.32
N TYR A 97 13.79 5.39 5.50
CA TYR A 97 12.40 5.06 5.37
C TYR A 97 11.97 4.12 6.49
N VAL A 98 10.82 3.45 6.34
CA VAL A 98 10.23 2.68 7.46
C VAL A 98 11.14 1.56 8.05
N GLU A 99 11.30 1.59 9.38
CA GLU A 99 11.97 0.52 10.14
C GLU A 99 11.01 -0.18 11.07
N ASP A 100 11.12 -1.50 11.21
CA ASP A 100 10.46 -2.17 12.32
C ASP A 100 10.84 -1.45 13.64
N ASP A 101 10.13 -1.74 14.73
CA ASP A 101 10.38 -1.08 16.04
C ASP A 101 11.70 -1.49 16.70
N ASP A 102 12.19 -2.69 16.32
CA ASP A 102 13.42 -3.20 16.93
C ASP A 102 14.68 -2.80 16.15
N SER A 103 14.49 -2.00 15.10
CA SER A 103 15.58 -1.60 14.23
C SER A 103 16.36 -2.81 13.71
N MET A 104 15.63 -3.80 13.25
CA MET A 104 16.17 -5.02 12.67
C MET A 104 16.09 -4.96 11.14
N PHE A 105 15.02 -4.34 10.62
CA PHE A 105 14.75 -4.21 9.17
C PHE A 105 14.31 -2.80 8.73
N ARG A 106 14.71 -2.42 7.51
CA ARG A 106 14.31 -1.14 6.91
C ARG A 106 13.99 -1.44 5.46
N PHE A 107 12.93 -0.82 4.97
CA PHE A 107 12.53 -1.01 3.58
C PHE A 107 13.65 -0.57 2.63
N ASN A 108 13.84 -1.34 1.57
CA ASN A 108 14.83 -1.02 0.58
C ASN A 108 14.20 -1.04 -0.83
N TYR A 109 13.18 -0.20 -1.00
CA TYR A 109 12.54 -0.06 -2.29
C TYR A 109 13.58 0.19 -3.40
N SER A 110 13.61 -0.64 -4.43
CA SER A 110 14.61 -0.43 -5.48
C SER A 110 14.25 0.83 -6.32
N GLU A 111 15.20 1.33 -7.11
CA GLU A 111 14.93 2.44 -8.07
C GLU A 111 13.81 2.13 -9.14
N GLU A 112 13.77 0.91 -9.65
CA GLU A 112 12.82 0.57 -10.68
C GLU A 112 11.44 0.46 -10.04
N PHE A 113 11.42 0.01 -8.78
CA PHE A 113 10.19 0.02 -8.02
C PHE A 113 9.66 1.43 -7.89
N LEU A 114 10.53 2.38 -7.48
CA LEU A 114 10.06 3.73 -7.19
C LEU A 114 9.53 4.46 -8.42
N GLN A 115 10.15 4.25 -9.57
CA GLN A 115 9.65 4.88 -10.78
C GLN A 115 8.28 4.29 -11.13
N TRP A 116 8.14 2.98 -10.94
CA TRP A 116 6.90 2.29 -11.24
C TRP A 116 5.77 2.89 -10.38
N ALA A 117 6.03 3.05 -9.07
CA ALA A 117 5.01 3.51 -8.10
C ALA A 117 4.69 5.01 -8.18
N LEU A 118 5.68 5.81 -8.58
CA LEU A 118 5.57 7.27 -8.59
C LEU A 118 5.10 7.84 -9.91
N CYS A 119 5.23 7.07 -10.98
CA CYS A 119 4.80 7.49 -12.33
C CYS A 119 3.71 6.66 -12.98
N PRO A 120 2.54 6.54 -12.30
CA PRO A 120 1.49 5.80 -13.00
C PRO A 120 0.86 6.71 -14.08
N PRO A 121 -0.03 6.16 -14.95
CA PRO A 121 -0.65 7.01 -15.98
C PRO A 121 -1.27 8.31 -15.41
N ASN A 122 -1.05 9.42 -16.11
CA ASN A 122 -1.56 10.72 -15.70
C ASN A 122 -1.05 11.22 -14.35
N TYR A 123 0.15 10.82 -13.99
CA TYR A 123 0.77 11.31 -12.77
C TYR A 123 1.06 12.82 -12.90
N ILE A 124 0.91 13.53 -11.78
CA ILE A 124 1.29 14.96 -11.75
C ILE A 124 2.65 15.16 -11.07
N PRO A 125 3.70 15.48 -11.85
CA PRO A 125 5.07 15.62 -11.35
C PRO A 125 5.09 16.50 -10.11
N ASP A 126 4.38 17.61 -10.18
CA ASP A 126 4.25 18.58 -9.10
C ASP A 126 3.82 17.98 -7.75
N TRP A 127 3.09 16.86 -7.75
CA TRP A 127 2.74 16.18 -6.49
C TRP A 127 3.90 15.42 -5.83
N HIS A 128 5.09 15.47 -6.42
CA HIS A 128 6.27 14.87 -5.78
C HIS A 128 7.10 15.99 -5.17
N VAL A 129 7.12 16.00 -3.85
CA VAL A 129 7.61 17.13 -3.10
C VAL A 129 8.85 16.75 -2.33
N ALA A 130 9.92 17.50 -2.54
CA ALA A 130 11.19 17.22 -1.91
C ALA A 130 11.73 18.46 -1.21
N VAL A 131 12.38 18.28 -0.06
CA VAL A 131 13.12 19.36 0.60
C VAL A 131 14.64 19.09 0.50
N ARG A 132 15.36 20.08 0.00
CA ARG A 132 16.81 20.01 -0.22
C ARG A 132 17.53 21.11 0.56
N ARG A 133 18.70 20.77 1.06
CA ARG A 133 19.60 21.72 1.65
C ARG A 133 20.08 22.61 0.52
N LYS A 134 19.95 23.94 0.66
CA LYS A 134 20.33 24.91 -0.41
C LYS A 134 21.78 24.74 -0.90
N ALA A 135 22.71 24.76 0.07
CA ALA A 135 24.16 24.59 -0.14
C ALA A 135 24.56 23.45 -1.08
N ASP A 136 24.47 22.20 -0.58
CA ASP A 136 24.94 20.99 -1.29
C ASP A 136 23.89 20.27 -2.16
N LYS A 137 22.63 20.66 -2.02
CA LYS A 137 21.47 19.96 -2.62
C LYS A 137 21.31 18.53 -2.08
N LYS A 138 21.69 18.32 -0.82
CA LYS A 138 21.42 17.04 -0.18
C LYS A 138 19.93 16.91 0.14
N LEU A 139 19.33 15.80 -0.29
CA LEU A 139 17.91 15.60 -0.07
C LEU A 139 17.68 15.20 1.37
N LEU A 140 16.70 15.85 2.01
CA LEU A 140 16.50 15.70 3.45
C LEU A 140 15.08 15.25 3.80
N ALA A 141 14.15 15.44 2.87
CA ALA A 141 12.77 15.10 3.12
C ALA A 141 12.05 14.81 1.80
N PHE A 142 11.00 14.00 1.86
CA PHE A 142 10.22 13.66 0.68
C PHE A 142 8.81 13.28 1.09
N ILE A 143 7.86 13.56 0.20
CA ILE A 143 6.51 12.99 0.28
C ILE A 143 6.04 12.95 -1.17
N ALA A 144 5.24 11.96 -1.53
CA ALA A 144 4.72 11.84 -2.86
C ALA A 144 3.19 11.63 -2.93
N GLY A 145 2.59 12.09 -4.00
CA GLY A 145 1.17 11.89 -4.18
C GLY A 145 1.04 11.34 -5.56
N VAL A 146 0.12 10.40 -5.75
CA VAL A 146 -0.19 9.94 -7.08
C VAL A 146 -1.71 9.90 -7.27
N PRO A 147 -2.21 10.14 -8.51
CA PRO A 147 -3.66 10.14 -8.67
C PRO A 147 -4.20 8.74 -8.49
N VAL A 148 -5.45 8.68 -8.03
CA VAL A 148 -6.19 7.42 -7.95
C VAL A 148 -7.69 7.74 -8.04
N THR A 149 -8.42 6.89 -8.78
CA THR A 149 -9.87 7.02 -8.88
C THR A 149 -10.39 6.07 -7.83
N LEU A 150 -10.98 6.61 -6.78
CA LEU A 150 -11.41 5.81 -5.64
C LEU A 150 -12.93 5.85 -5.38
N ARG A 151 -13.54 4.68 -5.24
CA ARG A 151 -14.94 4.58 -4.78
C ARG A 151 -14.88 4.71 -3.28
N MET A 152 -15.48 5.75 -2.73
CA MET A 152 -15.37 6.05 -1.31
C MET A 152 -16.68 6.65 -0.78
N GLY A 153 -17.79 6.15 -1.31
CA GLY A 153 -19.08 6.55 -0.79
C GLY A 153 -19.49 5.75 0.43
N THR A 154 -20.67 6.08 0.97
CA THR A 154 -21.16 5.41 2.15
C THR A 154 -21.15 3.88 2.02
N PRO A 155 -20.59 3.17 3.03
CA PRO A 155 -20.51 1.72 3.00
C PRO A 155 -21.90 1.07 3.03
N LYS A 156 -22.01 -0.15 2.53
CA LYS A 156 -23.32 -0.80 2.27
C LYS A 156 -24.22 -0.94 3.52
N TYR A 157 -23.67 -1.47 4.60
CA TYR A 157 -24.41 -1.60 5.85
C TYR A 157 -25.05 -0.26 6.25
N MET A 158 -24.34 0.84 6.07
CA MET A 158 -24.82 2.18 6.43
C MET A 158 -25.81 2.76 5.42
N LYS A 159 -25.79 2.29 4.18
CA LYS A 159 -26.81 2.66 3.19
C LYS A 159 -28.16 2.02 3.58
N VAL A 160 -28.07 0.83 4.20
CA VAL A 160 -29.21 0.10 4.74
C VAL A 160 -29.89 0.93 5.83
N LYS A 161 -29.16 1.21 6.91
CA LYS A 161 -29.65 2.06 7.98
C LYS A 161 -30.10 3.45 7.48
N ALA A 162 -29.77 3.81 6.25
CA ALA A 162 -30.18 5.09 5.72
C ALA A 162 -31.57 4.95 5.12
N GLN A 163 -31.75 3.95 4.26
CA GLN A 163 -33.06 3.58 3.72
C GLN A 163 -34.11 3.37 4.81
N GLU A 164 -33.68 2.66 5.88
CA GLU A 164 -34.49 2.39 7.09
C GLU A 164 -35.06 3.67 7.69
N LYS A 165 -34.28 4.75 7.57
CA LYS A 165 -34.54 6.04 8.19
C LYS A 165 -35.02 7.10 7.21
N GLY A 166 -35.20 6.72 5.94
CA GLY A 166 -35.59 7.64 4.86
C GLY A 166 -34.52 8.65 4.44
N GLU A 167 -33.26 8.27 4.58
CA GLU A 167 -32.12 9.18 4.38
C GLU A 167 -31.22 8.81 3.18
N GLY A 168 -31.74 7.98 2.28
CA GLY A 168 -31.00 7.46 1.12
C GLY A 168 -30.25 8.43 0.23
N GLU A 169 -30.87 9.56 -0.10
CA GLU A 169 -30.27 10.52 -1.01
C GLU A 169 -29.03 11.12 -0.37
N GLU A 170 -29.11 11.43 0.93
CA GLU A 170 -27.93 11.96 1.63
C GLU A 170 -26.80 10.94 1.66
N ALA A 171 -27.16 9.69 1.91
CA ALA A 171 -26.21 8.59 1.96
C ALA A 171 -25.56 8.32 0.64
N ALA A 172 -26.22 8.68 -0.46
CA ALA A 172 -25.76 8.28 -1.82
C ALA A 172 -25.09 9.39 -2.58
N LYS A 173 -25.13 10.59 -2.01
CA LYS A 173 -24.57 11.80 -2.59
C LYS A 173 -23.14 11.67 -3.18
N TYR A 174 -22.27 10.88 -2.55
CA TYR A 174 -20.86 10.87 -2.91
C TYR A 174 -20.42 9.49 -3.42
N ASP A 175 -21.36 8.79 -4.05
CA ASP A 175 -21.19 7.43 -4.57
C ASP A 175 -20.32 7.31 -5.79
N GLU A 176 -20.23 8.39 -6.55
CA GLU A 176 -19.50 8.34 -7.77
C GLU A 176 -18.00 8.33 -7.50
N PRO A 177 -17.23 7.52 -8.28
CA PRO A 177 -15.78 7.46 -8.14
C PRO A 177 -15.18 8.87 -8.16
N ARG A 178 -14.28 9.13 -7.23
CA ARG A 178 -13.65 10.42 -7.09
C ARG A 178 -12.21 10.28 -7.51
N HIS A 179 -11.74 11.27 -8.26
CA HIS A 179 -10.36 11.37 -8.63
C HIS A 179 -9.67 12.13 -7.49
N ILE A 180 -8.85 11.41 -6.72
CA ILE A 180 -8.21 11.96 -5.53
C ILE A 180 -6.72 11.70 -5.55
N CYS A 181 -6.07 11.92 -4.42
CA CYS A 181 -4.62 11.76 -4.28
C CYS A 181 -4.31 10.64 -3.31
N GLU A 182 -3.31 9.86 -3.68
CA GLU A 182 -2.77 8.78 -2.86
C GLU A 182 -1.45 9.27 -2.32
N ILE A 183 -1.36 9.46 -1.01
CA ILE A 183 -0.11 9.88 -0.40
C ILE A 183 0.74 8.70 0.11
N ASN A 184 2.04 8.80 -0.12
CA ASN A 184 2.95 7.73 0.22
C ASN A 184 4.37 8.27 0.34
N PHE A 185 5.28 7.42 0.81
CA PHE A 185 6.73 7.69 0.79
C PHE A 185 7.18 8.94 1.60
N LEU A 186 6.41 9.35 2.60
CA LEU A 186 6.81 10.42 3.51
C LEU A 186 8.04 10.01 4.28
N CYS A 187 9.02 10.90 4.30
CA CYS A 187 10.28 10.51 4.88
C CYS A 187 11.14 11.73 5.13
N VAL A 188 11.56 11.84 6.37
CA VAL A 188 12.48 12.87 6.77
C VAL A 188 13.80 12.21 7.19
N HIS A 189 14.89 12.78 6.71
CA HIS A 189 16.24 12.34 7.09
C HIS A 189 16.38 12.18 8.62
N LYS A 190 16.98 11.08 9.06
CA LYS A 190 17.30 10.86 10.49
C LYS A 190 17.87 12.04 11.29
N GLN A 191 18.70 12.85 10.62
CA GLN A 191 19.34 13.99 11.26
C GLN A 191 18.39 15.16 11.49
N LEU A 192 17.22 15.12 10.86
CA LEU A 192 16.27 16.23 10.91
C LEU A 192 14.99 15.91 11.66
N ARG A 193 15.00 14.79 12.38
CA ARG A 193 13.81 14.29 13.06
C ARG A 193 13.41 15.16 14.23
N GLU A 194 12.11 15.23 14.49
CA GLU A 194 11.52 16.00 15.60
C GLU A 194 11.80 17.48 15.51
N LYS A 195 12.03 17.95 14.27
CA LYS A 195 12.14 19.39 13.96
C LYS A 195 10.88 20.00 13.30
N ARG A 196 9.76 19.27 13.39
CA ARG A 196 8.48 19.77 12.90
C ARG A 196 8.45 19.91 11.38
N LEU A 197 9.43 19.33 10.70
CA LEU A 197 9.50 19.34 9.25
C LEU A 197 8.35 18.59 8.53
N ALA A 198 7.93 17.43 9.05
CA ALA A 198 6.88 16.63 8.38
C ALA A 198 5.55 17.39 8.18
N PRO A 199 5.09 18.17 9.17
CA PRO A 199 3.90 19.00 8.95
C PRO A 199 4.04 19.89 7.73
N ILE A 200 5.21 20.49 7.54
CA ILE A 200 5.46 21.43 6.45
C ILE A 200 5.37 20.73 5.09
N LEU A 201 6.00 19.56 5.00
CA LEU A 201 5.88 18.71 3.81
C LEU A 201 4.45 18.38 3.47
N ILE A 202 3.65 18.07 4.48
CA ILE A 202 2.27 17.70 4.27
C ILE A 202 1.43 18.90 3.81
N LYS A 203 1.70 20.10 4.34
CA LYS A 203 1.00 21.34 4.00
C LYS A 203 1.27 21.75 2.58
N GLU A 204 2.54 21.70 2.19
CA GLU A 204 2.95 21.92 0.84
C GLU A 204 2.41 20.86 -0.14
N ALA A 205 2.39 19.59 0.23
CA ALA A 205 1.77 18.56 -0.65
C ALA A 205 0.26 18.83 -0.85
N THR A 206 -0.40 19.15 0.26
CA THR A 206 -1.79 19.56 0.24
C THR A 206 -1.97 20.73 -0.74
N ARG A 207 -1.07 21.71 -0.68
CA ARG A 207 -1.17 22.90 -1.49
C ARG A 207 -1.11 22.55 -2.98
N ARG A 208 -0.06 21.86 -3.38
CA ARG A 208 0.09 21.43 -4.76
C ARG A 208 -1.10 20.59 -5.26
N VAL A 209 -1.64 19.70 -4.42
CA VAL A 209 -2.87 18.94 -4.75
C VAL A 209 -4.19 19.78 -4.81
N ASN A 210 -4.43 20.62 -3.81
CA ASN A 210 -5.57 21.57 -3.88
C ASN A 210 -5.47 22.48 -5.13
N ARG A 211 -4.27 22.95 -5.45
CA ARG A 211 -4.04 23.69 -6.69
C ARG A 211 -4.56 23.03 -7.96
N THR A 212 -4.59 21.69 -8.00
CA THR A 212 -5.09 20.98 -9.19
C THR A 212 -6.50 20.52 -8.96
N ASN A 213 -7.20 21.10 -7.98
CA ASN A 213 -8.62 20.90 -7.75
C ASN A 213 -8.91 19.54 -7.20
N VAL A 214 -8.03 19.08 -6.31
CA VAL A 214 -8.26 17.84 -5.57
C VAL A 214 -8.27 18.15 -4.05
N TRP A 215 -9.27 17.59 -3.35
CA TRP A 215 -9.59 18.01 -1.98
C TRP A 215 -9.63 16.88 -0.96
N GLN A 216 -9.43 15.66 -1.43
CA GLN A 216 -9.35 14.45 -0.62
C GLN A 216 -8.03 13.74 -0.89
N ALA A 217 -7.55 13.02 0.11
CA ALA A 217 -6.44 12.11 -0.08
C ALA A 217 -6.68 10.81 0.67
N VAL A 218 -5.96 9.77 0.29
CA VAL A 218 -6.00 8.54 1.08
C VAL A 218 -4.58 8.11 1.38
N TYR A 219 -4.38 7.53 2.56
CA TYR A 219 -3.06 7.10 2.99
C TYR A 219 -3.15 6.04 4.05
N THR A 220 -2.07 5.26 4.13
CA THR A 220 -1.86 4.24 5.13
C THR A 220 -0.59 4.55 5.92
N ALA A 221 -0.50 3.96 7.11
CA ALA A 221 0.61 4.20 8.02
C ALA A 221 0.59 3.03 8.98
N GLY A 222 1.78 2.70 9.50
CA GLY A 222 1.88 1.68 10.53
C GLY A 222 1.55 2.27 11.91
N VAL A 223 1.60 3.60 12.03
CA VAL A 223 1.34 4.25 13.31
C VAL A 223 -0.11 4.69 13.43
N LEU A 224 -0.52 5.03 14.65
CA LEU A 224 -1.85 5.51 14.97
C LEU A 224 -1.91 7.03 14.97
N LEU A 225 -2.77 7.55 14.08
CA LEU A 225 -2.91 8.96 13.81
C LEU A 225 -4.40 9.31 13.89
N PRO A 226 -4.73 10.59 14.04
CA PRO A 226 -6.18 10.78 13.94
C PRO A 226 -6.62 10.77 12.47
N THR A 227 -7.59 9.94 12.08
CA THR A 227 -8.14 8.83 12.86
C THR A 227 -8.43 7.77 11.81
N PRO A 228 -8.04 6.50 12.05
CA PRO A 228 -8.19 5.49 10.97
C PRO A 228 -9.64 5.17 10.65
N TYR A 229 -9.94 4.87 9.39
CA TYR A 229 -11.28 4.32 9.06
C TYR A 229 -11.32 2.79 8.97
N ALA A 230 -10.16 2.19 8.73
CA ALA A 230 -10.02 0.74 8.82
C ALA A 230 -8.64 0.42 9.35
N SER A 231 -8.45 -0.82 9.80
CA SER A 231 -7.20 -1.25 10.41
C SER A 231 -7.11 -2.74 10.30
N GLY A 232 -6.02 -3.23 9.72
CA GLY A 232 -5.87 -4.64 9.47
C GLY A 232 -4.53 -5.11 9.97
N GLN A 233 -4.51 -6.32 10.53
CA GLN A 233 -3.32 -6.96 11.03
C GLN A 233 -2.47 -7.41 9.81
N TYR A 234 -1.17 -7.56 10.01
CA TYR A 234 -0.25 -8.01 8.99
C TYR A 234 -0.16 -9.52 9.04
N PHE A 235 0.17 -10.16 7.92
CA PHE A 235 0.29 -11.59 7.86
C PHE A 235 1.54 -12.03 7.07
N HIS A 236 2.17 -13.13 7.51
CA HIS A 236 3.41 -13.60 6.86
C HIS A 236 3.41 -15.09 6.59
N ARG A 237 4.06 -15.46 5.50
CA ARG A 237 4.10 -16.84 5.10
C ARG A 237 5.52 -17.16 4.68
N SER A 238 6.19 -17.90 5.55
CA SER A 238 7.57 -18.32 5.34
C SER A 238 7.75 -19.12 4.09
N LEU A 239 8.61 -18.62 3.22
CA LEU A 239 9.04 -19.39 2.05
C LEU A 239 10.40 -20.02 2.36
N ASN A 240 11.22 -19.30 3.13
CA ASN A 240 12.57 -19.77 3.53
C ASN A 240 12.77 -19.67 5.05
N PRO A 241 12.22 -20.64 5.83
CA PRO A 241 12.25 -20.48 7.30
C PRO A 241 13.65 -20.44 7.89
N GLU A 242 14.62 -21.11 7.28
CA GLU A 242 16.00 -21.11 7.84
C GLU A 242 16.57 -19.68 7.95
N LYS A 243 16.48 -18.92 6.86
CA LYS A 243 16.88 -17.51 6.85
C LYS A 243 16.08 -16.65 7.81
N LEU A 244 14.77 -16.88 7.85
CA LEU A 244 13.88 -16.06 8.67
C LEU A 244 14.17 -16.16 10.17
N VAL A 245 14.46 -17.39 10.63
CA VAL A 245 14.98 -17.61 11.99
C VAL A 245 16.42 -17.02 12.17
N GLU A 246 17.29 -17.25 11.20
CA GLU A 246 18.67 -16.74 11.30
C GLU A 246 18.72 -15.22 11.43
N ILE A 247 17.89 -14.51 10.66
CA ILE A 247 17.82 -13.05 10.76
C ILE A 247 16.89 -12.57 11.87
N ARG A 248 16.18 -13.52 12.50
CA ARG A 248 15.26 -13.23 13.63
C ARG A 248 14.01 -12.52 13.18
N PHE A 249 13.66 -12.67 11.92
CA PHE A 249 12.32 -12.31 11.49
C PHE A 249 11.35 -13.19 12.24
N SER A 250 11.73 -14.46 12.37
CA SER A 250 10.91 -15.51 12.93
C SER A 250 11.63 -16.24 14.06
N GLY A 251 10.87 -16.75 15.02
CA GLY A 251 11.42 -17.62 16.05
C GLY A 251 10.94 -19.06 15.88
N ILE A 252 11.74 -20.02 16.35
CA ILE A 252 11.27 -21.41 16.44
C ILE A 252 10.29 -21.42 17.61
N PRO A 253 9.04 -21.87 17.39
CA PRO A 253 8.11 -21.81 18.54
C PRO A 253 8.39 -22.94 19.54
N ALA A 254 8.27 -22.62 20.84
CA ALA A 254 8.53 -23.56 21.94
C ALA A 254 8.09 -25.00 21.67
N GLN A 255 6.94 -25.13 21.01
CA GLN A 255 6.39 -26.44 20.66
C GLN A 255 7.32 -27.27 19.73
N TYR A 256 8.25 -26.60 19.05
CA TYR A 256 9.21 -27.27 18.16
C TYR A 256 10.41 -27.85 18.90
N GLN A 257 10.58 -27.45 20.16
CA GLN A 257 11.70 -27.94 20.97
C GLN A 257 11.44 -29.39 21.38
N LYS A 258 10.16 -29.76 21.53
CA LYS A 258 9.75 -31.14 21.82
C LYS A 258 10.20 -32.14 20.74
N PHE A 259 10.89 -31.61 19.72
CA PHE A 259 11.44 -32.40 18.60
C PHE A 259 12.96 -32.53 18.66
N GLN A 260 13.47 -33.63 18.09
CA GLN A 260 14.90 -33.88 17.98
C GLN A 260 15.60 -32.71 17.28
N ASN A 261 15.05 -32.34 16.13
CA ASN A 261 15.71 -31.48 15.14
C ASN A 261 14.79 -30.29 14.75
N PRO A 262 14.65 -29.30 15.65
CA PRO A 262 13.68 -28.23 15.40
C PRO A 262 13.68 -27.69 13.96
N MET A 263 14.84 -27.29 13.45
CA MET A 263 14.87 -26.71 12.10
C MET A 263 14.42 -27.66 10.99
N ALA A 264 14.55 -28.96 11.22
CA ALA A 264 14.13 -29.92 10.20
C ALA A 264 12.60 -29.86 10.09
N MET A 265 11.93 -29.98 11.23
CA MET A 265 10.48 -29.98 11.29
C MET A 265 9.90 -28.67 10.70
N LEU A 266 10.51 -27.53 11.04
CA LEU A 266 10.11 -26.21 10.54
C LEU A 266 10.18 -26.15 9.01
N LYS A 267 11.30 -26.60 8.47
CA LYS A 267 11.56 -26.56 7.05
C LYS A 267 10.57 -27.43 6.28
N ARG A 268 10.36 -28.65 6.79
CA ARG A 268 9.40 -29.63 6.22
C ARG A 268 8.00 -29.06 6.28
N ASN A 269 7.71 -28.35 7.35
CA ASN A 269 6.42 -27.79 7.54
C ASN A 269 6.05 -26.73 6.51
N TYR A 270 7.03 -25.96 6.01
CA TYR A 270 6.71 -24.88 5.05
C TYR A 270 7.07 -25.17 3.59
N GLN A 271 7.57 -26.38 3.33
CA GLN A 271 7.96 -26.81 1.99
C GLN A 271 6.82 -26.57 1.01
N LEU A 272 7.16 -26.43 -0.27
CA LEU A 272 6.21 -26.10 -1.33
C LEU A 272 6.55 -26.86 -2.62
N PRO A 273 5.53 -27.18 -3.45
CA PRO A 273 5.79 -27.80 -4.73
C PRO A 273 6.69 -26.92 -5.55
N SER A 274 7.41 -27.51 -6.49
CA SER A 274 8.38 -26.76 -7.28
C SER A 274 7.71 -25.98 -8.40
N ALA A 275 6.62 -26.52 -8.94
CA ALA A 275 5.90 -25.84 -10.01
C ALA A 275 4.45 -25.63 -9.60
N PRO A 276 3.77 -24.60 -10.18
CA PRO A 276 2.36 -24.31 -9.93
C PRO A 276 1.46 -25.51 -10.21
N LYS A 277 0.26 -25.54 -9.63
CA LYS A 277 -0.61 -26.73 -9.68
C LYS A 277 -1.67 -26.57 -10.76
N ASN A 278 -2.10 -25.32 -10.99
CA ASN A 278 -3.08 -25.03 -12.02
C ASN A 278 -2.44 -25.08 -13.39
N SER A 279 -2.89 -26.03 -14.20
CA SER A 279 -2.63 -26.00 -15.63
C SER A 279 -3.45 -24.81 -16.11
N GLY A 280 -2.95 -24.10 -17.09
CA GLY A 280 -3.64 -22.88 -17.48
C GLY A 280 -2.91 -21.63 -17.03
N LEU A 281 -1.88 -21.79 -16.21
CA LEU A 281 -1.22 -20.66 -15.56
C LEU A 281 0.05 -20.23 -16.29
N ARG A 282 0.12 -18.94 -16.62
CA ARG A 282 1.28 -18.29 -17.28
C ARG A 282 1.38 -16.80 -16.88
N GLU A 283 2.42 -16.09 -17.31
CA GLU A 283 2.50 -14.63 -16.99
C GLU A 283 1.49 -13.84 -17.79
N MET A 284 1.09 -12.69 -17.24
CA MET A 284 0.17 -11.80 -17.94
C MET A 284 0.87 -11.28 -19.18
N LYS A 285 0.14 -11.15 -20.29
CA LYS A 285 0.64 -10.43 -21.46
C LYS A 285 -0.26 -9.19 -21.74
N PRO A 286 0.23 -8.17 -22.51
CA PRO A 286 -0.63 -7.04 -22.91
C PRO A 286 -2.02 -7.46 -23.43
N SER A 287 -2.14 -8.50 -24.25
CA SER A 287 -3.48 -8.86 -24.77
C SER A 287 -4.46 -9.22 -23.65
N ASP A 288 -3.91 -9.54 -22.47
CA ASP A 288 -4.78 -9.89 -21.32
C ASP A 288 -5.45 -8.72 -20.62
N VAL A 289 -4.94 -7.49 -20.80
CA VAL A 289 -5.41 -6.31 -20.05
C VAL A 289 -6.93 -6.18 -19.91
N PRO A 290 -7.69 -6.12 -21.04
CA PRO A 290 -9.14 -5.94 -20.85
C PRO A 290 -9.83 -7.08 -20.09
N GLN A 291 -9.37 -8.32 -20.21
CA GLN A 291 -10.02 -9.38 -19.45
C GLN A 291 -9.75 -9.28 -17.95
N VAL A 292 -8.51 -8.93 -17.61
CA VAL A 292 -8.06 -8.73 -16.23
C VAL A 292 -8.77 -7.53 -15.62
N ARG A 293 -8.77 -6.42 -16.31
CA ARG A 293 -9.53 -5.25 -15.88
C ARG A 293 -10.95 -5.63 -15.51
N ARG A 294 -11.60 -6.36 -16.42
CA ARG A 294 -12.96 -6.80 -16.28
C ARG A 294 -13.15 -7.69 -15.04
N ILE A 295 -12.40 -8.79 -14.94
CA ILE A 295 -12.55 -9.65 -13.77
C ILE A 295 -12.14 -8.94 -12.45
N LEU A 296 -11.14 -8.07 -12.53
CA LEU A 296 -10.72 -7.30 -11.36
C LEU A 296 -11.81 -6.36 -10.89
N MET A 297 -12.39 -5.57 -11.79
CA MET A 297 -13.44 -4.60 -11.39
C MET A 297 -14.70 -5.24 -10.83
N ASN A 298 -15.10 -6.35 -11.42
CA ASN A 298 -16.25 -7.10 -10.90
C ASN A 298 -16.02 -7.52 -9.45
N TYR A 299 -14.82 -7.99 -9.16
CA TYR A 299 -14.43 -8.35 -7.80
C TYR A 299 -14.33 -7.15 -6.84
N LEU A 300 -13.67 -6.06 -7.26
CA LEU A 300 -13.36 -4.96 -6.36
C LEU A 300 -14.63 -4.21 -6.03
N ASP A 301 -15.54 -4.16 -6.99
CA ASP A 301 -16.81 -3.46 -6.84
C ASP A 301 -17.69 -3.94 -5.70
N SER A 302 -17.44 -5.12 -5.16
CA SER A 302 -18.19 -5.56 -4.03
C SER A 302 -17.61 -5.05 -2.71
N PHE A 303 -16.58 -4.21 -2.74
CA PHE A 303 -15.98 -3.71 -1.51
C PHE A 303 -16.42 -2.29 -1.33
N ASP A 304 -16.61 -1.83 -0.09
CA ASP A 304 -16.99 -0.42 0.12
C ASP A 304 -15.91 0.55 -0.37
N VAL A 305 -14.63 0.32 -0.03
CA VAL A 305 -13.58 1.18 -0.54
C VAL A 305 -12.64 0.40 -1.48
N GLY A 306 -12.45 0.92 -2.68
CA GLY A 306 -11.61 0.27 -3.66
C GLY A 306 -11.40 1.17 -4.88
N PRO A 307 -10.33 0.91 -5.66
CA PRO A 307 -10.00 1.72 -6.80
C PRO A 307 -10.73 1.29 -8.06
N VAL A 308 -10.82 2.21 -9.00
CA VAL A 308 -11.29 1.91 -10.32
C VAL A 308 -10.12 2.23 -11.23
N PHE A 309 -9.86 1.29 -12.14
CA PHE A 309 -8.69 1.25 -12.98
C PHE A 309 -9.06 1.30 -14.49
N SER A 310 -8.38 2.15 -15.24
CA SER A 310 -8.49 2.13 -16.69
C SER A 310 -7.60 1.00 -17.26
N ASP A 311 -7.70 0.74 -18.56
CA ASP A 311 -6.83 -0.23 -19.26
C ASP A 311 -5.36 0.12 -19.04
N ALA A 312 -5.04 1.41 -19.16
CA ALA A 312 -3.69 1.92 -18.97
C ALA A 312 -3.19 1.69 -17.53
N GLU A 313 -4.04 1.96 -16.54
CA GLU A 313 -3.72 1.66 -15.14
C GLU A 313 -3.56 0.16 -14.89
N ILE A 314 -4.38 -0.67 -15.49
CA ILE A 314 -4.14 -2.12 -15.37
C ILE A 314 -2.81 -2.57 -16.01
N SER A 315 -2.44 -2.00 -17.17
CA SER A 315 -1.20 -2.33 -17.82
C SER A 315 -0.13 -1.98 -16.85
N HIS A 316 -0.21 -0.78 -16.29
CA HIS A 316 0.91 -0.23 -15.52
C HIS A 316 1.14 -0.92 -14.16
N TYR A 317 0.05 -1.17 -13.45
CA TYR A 317 0.14 -1.72 -12.10
C TYR A 317 0.20 -3.23 -12.13
N LEU A 318 -0.10 -3.86 -13.28
CA LEU A 318 -0.06 -5.35 -13.32
C LEU A 318 0.80 -6.10 -14.36
N LEU A 319 1.10 -5.50 -15.51
CA LEU A 319 2.00 -6.17 -16.47
C LEU A 319 3.35 -6.47 -15.81
N PRO A 320 3.91 -7.68 -16.05
CA PRO A 320 5.17 -7.99 -15.33
C PRO A 320 6.25 -7.00 -15.68
N ARG A 321 7.04 -6.60 -14.67
CA ARG A 321 8.22 -5.76 -14.78
C ARG A 321 9.26 -6.45 -13.92
N ASP A 322 10.42 -6.76 -14.52
CA ASP A 322 11.46 -7.58 -13.86
C ASP A 322 11.87 -7.02 -12.49
N GLY A 323 11.95 -7.91 -11.50
CA GLY A 323 12.35 -7.55 -10.13
C GLY A 323 11.36 -6.69 -9.34
N VAL A 324 10.17 -6.44 -9.90
CA VAL A 324 9.29 -5.42 -9.33
C VAL A 324 7.86 -5.92 -9.05
N VAL A 325 7.18 -6.35 -10.12
CA VAL A 325 5.80 -6.82 -10.10
C VAL A 325 5.70 -8.03 -11.04
N PHE A 326 5.00 -9.07 -10.56
CA PHE A 326 4.94 -10.43 -11.08
C PHE A 326 3.47 -10.81 -11.07
N THR A 327 2.95 -11.16 -12.23
CA THR A 327 1.52 -11.34 -12.41
C THR A 327 1.24 -12.55 -13.29
N TYR A 328 0.31 -13.39 -12.87
CA TYR A 328 0.00 -14.62 -13.56
C TYR A 328 -1.48 -14.71 -13.75
N VAL A 329 -1.87 -15.26 -14.89
CA VAL A 329 -3.28 -15.45 -15.20
C VAL A 329 -3.55 -16.95 -15.35
N VAL A 330 -4.79 -17.35 -15.07
CA VAL A 330 -5.27 -18.68 -15.44
C VAL A 330 -6.05 -18.49 -16.71
N GLU A 331 -5.49 -19.02 -17.79
CA GLU A 331 -6.16 -19.02 -19.07
C GLU A 331 -6.57 -20.44 -19.38
N ASN A 332 -7.84 -20.59 -19.66
CA ASN A 332 -8.34 -21.83 -20.20
C ASN A 332 -9.40 -21.53 -21.24
N ASP A 333 -9.27 -22.22 -22.37
CA ASP A 333 -10.06 -22.01 -23.59
C ASP A 333 -9.79 -20.63 -24.15
N LYS A 334 -8.57 -20.11 -23.99
CA LYS A 334 -8.30 -18.74 -24.44
C LYS A 334 -9.10 -17.69 -23.62
N LYS A 335 -9.53 -18.07 -22.42
CA LYS A 335 -10.20 -17.14 -21.53
C LYS A 335 -9.43 -16.99 -20.21
N VAL A 336 -9.20 -15.73 -19.82
CA VAL A 336 -8.62 -15.46 -18.52
C VAL A 336 -9.74 -15.55 -17.50
N THR A 337 -9.77 -16.68 -16.79
CA THR A 337 -10.71 -16.89 -15.70
C THR A 337 -10.23 -16.39 -14.32
N ASP A 338 -8.93 -16.33 -14.13
CA ASP A 338 -8.36 -16.00 -12.82
C ASP A 338 -6.99 -15.36 -13.02
N PHE A 339 -6.61 -14.45 -12.12
CA PHE A 339 -5.24 -13.91 -12.05
C PHE A 339 -4.81 -13.63 -10.62
N PHE A 340 -3.51 -13.66 -10.39
CA PHE A 340 -2.95 -13.16 -9.14
C PHE A 340 -1.70 -12.36 -9.42
N SER A 341 -1.36 -11.44 -8.51
CA SER A 341 -0.22 -10.56 -8.66
C SER A 341 0.50 -10.38 -7.32
N PHE A 342 1.83 -10.32 -7.37
CA PHE A 342 2.59 -9.81 -6.23
C PHE A 342 3.72 -8.90 -6.64
N TYR A 343 4.17 -8.07 -5.69
CA TYR A 343 5.30 -7.18 -5.94
C TYR A 343 6.40 -7.32 -4.84
N ARG A 344 7.59 -6.83 -5.15
CA ARG A 344 8.77 -7.13 -4.36
C ARG A 344 9.22 -5.89 -3.61
N ILE A 345 9.46 -6.05 -2.31
CA ILE A 345 10.17 -5.05 -1.58
C ILE A 345 11.11 -5.75 -0.63
N PRO A 346 12.45 -5.66 -0.92
CA PRO A 346 13.52 -6.13 -0.05
C PRO A 346 13.60 -5.22 1.15
N SER A 347 13.94 -5.77 2.33
CA SER A 347 14.35 -4.98 3.48
C SER A 347 15.78 -5.27 3.81
N THR A 348 16.53 -4.19 4.07
CA THR A 348 17.84 -4.26 4.64
C THR A 348 17.76 -4.95 6.01
N VAL A 349 18.60 -5.98 6.19
CA VAL A 349 18.78 -6.58 7.52
C VAL A 349 19.89 -5.82 8.23
N ILE A 350 19.47 -5.10 9.27
CA ILE A 350 20.28 -4.03 9.84
C ILE A 350 21.29 -4.55 10.80
N GLY A 351 20.92 -5.61 11.52
CA GLY A 351 21.73 -6.09 12.64
C GLY A 351 22.35 -7.48 12.53
N ASN A 352 22.18 -8.14 11.39
CA ASN A 352 22.90 -9.39 11.10
C ASN A 352 24.13 -8.94 10.36
N SER A 353 24.98 -9.89 9.99
CA SER A 353 26.17 -9.66 9.15
C SER A 353 26.19 -10.59 7.94
N ASN A 354 25.72 -11.83 8.14
CA ASN A 354 25.64 -12.90 7.12
C ASN A 354 24.71 -12.64 5.91
N TYR A 355 23.66 -11.85 6.14
CA TYR A 355 22.64 -11.54 5.14
C TYR A 355 22.45 -10.03 5.05
N ASN A 356 22.56 -9.46 3.84
CA ASN A 356 22.29 -8.03 3.67
C ASN A 356 20.77 -7.74 3.63
N LEU A 357 19.99 -8.69 3.07
CA LEU A 357 18.61 -8.42 2.60
C LEU A 357 17.57 -9.51 2.87
N LEU A 358 16.36 -9.05 3.23
CA LEU A 358 15.16 -9.89 3.31
C LEU A 358 14.41 -9.70 2.00
N ASN A 359 14.09 -10.79 1.31
CA ASN A 359 13.53 -10.71 -0.03
C ASN A 359 12.00 -11.02 0.00
N ALA A 360 11.19 -9.98 0.14
CA ALA A 360 9.78 -10.16 0.50
C ALA A 360 8.80 -9.96 -0.68
N ALA A 361 7.85 -10.87 -0.83
CA ALA A 361 6.77 -10.78 -1.81
C ALA A 361 5.50 -10.33 -1.12
N TYR A 362 4.86 -9.30 -1.68
CA TYR A 362 3.59 -8.73 -1.16
C TYR A 362 2.43 -9.07 -2.10
N VAL A 363 1.42 -9.73 -1.54
CA VAL A 363 0.24 -10.06 -2.32
C VAL A 363 -0.34 -8.73 -2.86
N HIS A 364 -0.56 -8.64 -4.18
CA HIS A 364 -1.02 -7.42 -4.81
C HIS A 364 -2.54 -7.62 -5.02
N TYR A 365 -3.07 -7.28 -6.19
CA TYR A 365 -4.46 -7.68 -6.56
C TYR A 365 -4.54 -9.11 -7.11
N TYR A 366 -5.76 -9.65 -7.14
CA TYR A 366 -6.02 -10.92 -7.70
C TYR A 366 -7.51 -10.99 -7.98
N ALA A 367 -7.95 -12.02 -8.71
CA ALA A 367 -9.36 -12.40 -8.81
C ALA A 367 -9.47 -13.86 -9.17
N ALA A 368 -10.42 -14.52 -8.53
CA ALA A 368 -10.69 -15.92 -8.87
C ALA A 368 -12.14 -16.08 -9.27
N THR A 369 -12.36 -16.67 -10.45
CA THR A 369 -13.71 -17.09 -10.85
C THR A 369 -13.89 -18.62 -10.99
N SER A 370 -12.82 -19.35 -11.33
CA SER A 370 -13.00 -20.76 -11.69
C SER A 370 -12.51 -21.73 -10.62
N ILE A 371 -11.84 -21.19 -9.61
CA ILE A 371 -11.17 -22.04 -8.62
C ILE A 371 -11.17 -21.42 -7.22
N PRO A 372 -11.04 -22.24 -6.17
CA PRO A 372 -11.12 -21.61 -4.86
C PRO A 372 -9.94 -20.65 -4.67
N LEU A 373 -10.13 -19.58 -3.93
CA LEU A 373 -9.06 -18.58 -3.74
C LEU A 373 -7.80 -19.17 -3.09
N HIS A 374 -7.97 -20.02 -2.08
CA HIS A 374 -6.79 -20.69 -1.47
C HIS A 374 -6.01 -21.48 -2.52
N GLN A 375 -6.71 -22.02 -3.52
CA GLN A 375 -6.04 -22.69 -4.63
C GLN A 375 -5.29 -21.75 -5.62
N LEU A 376 -5.85 -20.58 -5.90
CA LEU A 376 -5.16 -19.62 -6.76
C LEU A 376 -3.85 -19.16 -6.07
N ILE A 377 -3.97 -18.85 -4.77
CA ILE A 377 -2.88 -18.27 -3.98
C ILE A 377 -1.79 -19.27 -3.61
N LEU A 378 -2.12 -20.55 -3.57
CA LEU A 378 -1.06 -21.52 -3.39
C LEU A 378 -0.03 -21.37 -4.50
N ASP A 379 -0.49 -21.27 -5.73
CA ASP A 379 0.43 -21.06 -6.85
C ASP A 379 1.21 -19.73 -6.75
N LEU A 380 0.69 -18.77 -6.00
CA LEU A 380 1.42 -17.55 -5.71
C LEU A 380 2.63 -17.92 -4.86
N LEU A 381 2.39 -18.58 -3.73
CA LEU A 381 3.50 -19.00 -2.88
C LEU A 381 4.55 -19.78 -3.69
N ILE A 382 4.07 -20.70 -4.52
CA ILE A 382 4.93 -21.61 -5.27
C ILE A 382 5.89 -20.89 -6.20
N VAL A 383 5.34 -19.94 -6.94
CA VAL A 383 6.13 -19.08 -7.84
C VAL A 383 7.09 -18.23 -7.04
N ALA A 384 6.57 -17.58 -6.01
CA ALA A 384 7.33 -16.66 -5.21
C ALA A 384 8.54 -17.40 -4.63
N HIS A 385 8.32 -18.63 -4.20
CA HIS A 385 9.36 -19.39 -3.53
C HIS A 385 10.37 -19.82 -4.55
N SER A 386 9.88 -20.24 -5.69
CA SER A 386 10.75 -20.73 -6.73
C SER A 386 11.60 -19.57 -7.30
N ARG A 387 11.12 -18.33 -7.15
CA ARG A 387 11.91 -17.19 -7.61
C ARG A 387 12.79 -16.64 -6.50
N GLY A 388 12.95 -17.41 -5.43
CA GLY A 388 13.88 -17.02 -4.38
C GLY A 388 13.44 -15.98 -3.36
N PHE A 389 12.13 -15.78 -3.18
CA PHE A 389 11.64 -14.88 -2.12
C PHE A 389 11.66 -15.58 -0.77
N ASP A 390 11.97 -14.87 0.29
CA ASP A 390 12.01 -15.46 1.63
C ASP A 390 10.66 -15.56 2.37
N VAL A 391 9.70 -14.74 1.97
CA VAL A 391 8.46 -14.53 2.74
C VAL A 391 7.43 -13.85 1.86
N CYS A 392 6.16 -14.15 2.13
CA CYS A 392 5.07 -13.48 1.46
C CYS A 392 4.28 -12.77 2.53
N ASN A 393 4.06 -11.48 2.31
CA ASN A 393 3.44 -10.60 3.27
C ASN A 393 2.10 -10.11 2.75
N MET A 394 1.19 -9.72 3.66
CA MET A 394 -0.09 -9.13 3.24
C MET A 394 -0.78 -8.53 4.41
N VAL A 395 -1.77 -7.68 4.14
CA VAL A 395 -2.67 -7.19 5.17
C VAL A 395 -3.97 -7.93 4.98
N GLU A 396 -4.83 -7.90 5.99
CA GLU A 396 -6.09 -8.68 5.96
C GLU A 396 -7.24 -7.92 5.26
N ILE A 397 -6.92 -7.26 4.15
CA ILE A 397 -7.89 -6.63 3.27
C ILE A 397 -8.38 -7.66 2.26
N LEU A 398 -9.27 -7.24 1.36
CA LEU A 398 -9.81 -8.15 0.34
C LEU A 398 -10.33 -9.42 1.00
N ASP A 399 -10.07 -10.57 0.39
CA ASP A 399 -10.53 -11.82 0.98
C ASP A 399 -9.35 -12.58 1.53
N ASN A 400 -8.28 -11.84 1.83
CA ASN A 400 -7.01 -12.39 2.32
C ASN A 400 -7.17 -13.29 3.55
N ARG A 401 -8.13 -12.98 4.42
CA ARG A 401 -8.47 -13.80 5.57
C ARG A 401 -8.89 -15.21 5.14
N SER A 402 -9.50 -15.32 3.97
CA SER A 402 -10.03 -16.63 3.52
C SER A 402 -8.95 -17.72 3.32
N PHE A 403 -7.70 -17.34 3.09
CA PHE A 403 -6.66 -18.35 2.86
C PHE A 403 -5.55 -18.46 3.93
N VAL A 404 -5.75 -17.79 5.05
CA VAL A 404 -4.71 -17.63 6.06
C VAL A 404 -4.26 -18.94 6.65
N GLU A 405 -5.23 -19.76 7.06
CA GLU A 405 -4.94 -20.99 7.79
C GLU A 405 -4.46 -22.11 6.87
N GLN A 406 -5.10 -22.29 5.72
CA GLN A 406 -4.72 -23.39 4.91
C GLN A 406 -3.39 -23.13 4.19
N LEU A 407 -3.08 -21.88 3.88
CA LEU A 407 -1.77 -21.62 3.30
C LEU A 407 -0.66 -21.39 4.36
N LYS A 408 -1.03 -21.49 5.64
CA LYS A 408 -0.07 -21.39 6.78
C LYS A 408 0.47 -19.98 6.92
N PHE A 409 -0.35 -18.95 6.73
CA PHE A 409 0.09 -17.59 7.08
C PHE A 409 0.02 -17.39 8.60
N GLY A 410 0.91 -16.57 9.13
CA GLY A 410 0.83 -16.18 10.52
C GLY A 410 0.68 -14.69 10.67
N ALA A 411 -0.11 -14.27 11.64
CA ALA A 411 -0.27 -12.88 11.99
C ALA A 411 1.02 -12.34 12.53
N GLY A 412 1.39 -11.11 12.17
CA GLY A 412 2.55 -10.48 12.82
C GLY A 412 2.12 -9.50 13.88
N ASP A 413 3.03 -8.63 14.30
CA ASP A 413 2.63 -7.64 15.30
C ASP A 413 2.24 -6.26 14.71
N GLY A 414 2.47 -6.07 13.43
CA GLY A 414 1.95 -4.84 12.77
C GLY A 414 0.42 -4.58 12.83
N HIS A 415 0.04 -3.33 12.59
CA HIS A 415 -1.31 -3.00 12.19
C HIS A 415 -1.16 -1.97 11.09
N LEU A 416 -1.60 -2.28 9.88
CA LEU A 416 -1.71 -1.24 8.88
C LEU A 416 -3.08 -0.51 9.01
N ARG A 417 -3.01 0.82 9.15
CA ARG A 417 -4.19 1.68 9.30
C ARG A 417 -4.42 2.50 8.05
N TYR A 418 -5.69 2.63 7.65
CA TYR A 418 -6.06 3.37 6.46
C TYR A 418 -6.79 4.70 6.83
N TYR A 419 -6.45 5.80 6.15
CA TYR A 419 -6.97 7.13 6.51
C TYR A 419 -7.45 7.90 5.30
N PHE A 420 -8.41 8.80 5.53
CA PHE A 420 -8.73 9.82 4.57
C PHE A 420 -8.34 11.17 5.11
N TYR A 421 -7.90 12.04 4.20
CA TYR A 421 -7.74 13.45 4.46
C TYR A 421 -8.91 14.26 3.88
N ASN A 422 -9.63 14.99 4.74
CA ASN A 422 -10.84 15.77 4.38
C ASN A 422 -12.03 14.91 3.90
N TRP A 423 -12.38 13.88 4.66
CA TRP A 423 -13.41 12.94 4.22
C TRP A 423 -13.97 12.21 5.43
N ALA A 424 -15.21 12.51 5.80
CA ALA A 424 -15.86 11.82 6.89
C ALA A 424 -16.26 10.48 6.38
N TYR A 425 -15.83 9.44 7.07
CA TYR A 425 -16.12 8.09 6.66
C TYR A 425 -16.31 7.21 7.90
N PRO A 426 -17.31 6.31 7.86
CA PRO A 426 -17.57 5.41 8.99
C PRO A 426 -16.44 4.41 9.20
N LYS A 427 -16.29 3.91 10.42
CA LYS A 427 -15.35 2.82 10.71
C LYS A 427 -15.87 1.61 9.95
N ILE A 428 -15.04 0.98 9.12
CA ILE A 428 -15.41 -0.26 8.44
C ILE A 428 -14.46 -1.40 8.79
N LYS A 429 -14.77 -2.62 8.38
CA LYS A 429 -13.88 -3.77 8.62
C LYS A 429 -12.79 -3.85 7.51
N PRO A 430 -11.54 -4.19 7.88
CA PRO A 430 -10.50 -4.22 6.86
C PRO A 430 -10.86 -5.07 5.62
N SER A 431 -11.72 -6.08 5.80
CA SER A 431 -12.23 -6.90 4.70
C SER A 431 -13.32 -6.19 3.87
N GLN A 432 -13.60 -4.94 4.23
CA GLN A 432 -14.32 -4.06 3.31
C GLN A 432 -13.40 -3.10 2.52
N VAL A 433 -12.08 -3.31 2.59
CA VAL A 433 -11.13 -2.45 1.83
C VAL A 433 -10.47 -3.25 0.69
N ALA A 434 -10.46 -2.66 -0.51
CA ALA A 434 -9.90 -3.29 -1.73
C ALA A 434 -8.77 -2.48 -2.34
N LEU A 435 -8.32 -1.43 -1.66
CA LEU A 435 -7.13 -0.66 -2.06
C LEU A 435 -5.76 -1.18 -1.48
N VAL A 436 -4.88 -1.65 -2.35
CA VAL A 436 -3.51 -2.05 -1.95
C VAL A 436 -2.61 -0.83 -2.08
N MET A 437 -1.86 -0.52 -1.04
CA MET A 437 -0.93 0.63 -1.11
C MET A 437 0.49 0.10 -1.09
N LEU A 438 1.29 0.57 -2.04
CA LEU A 438 2.65 0.09 -2.27
C LEU A 438 3.66 0.52 -1.21
#